data_8FBQ
#
_entry.id   8FBQ
#
_cell.length_a   91.930
_cell.length_b   91.930
_cell.length_c   101.286
_cell.angle_alpha   90.000
_cell.angle_beta   90.000
_cell.angle_gamma   90.000
#
_symmetry.space_group_name_H-M   'P 43 21 2'
#
loop_
_entity.id
_entity.type
_entity.pdbx_description
1 polymer 'Glycylpeptide N-tetradecanoyltransferase'
2 non-polymer TETRADECANOYL-COA
3 non-polymer 1-[(3M)-3-{3-[2-(1,3,5-trimethyl-1H-pyrazol-4-yl)ethoxy]pyridin-2-yl}phenyl]piperazine
4 non-polymer GLYCEROL
5 non-polymer 'SULFATE ION'
6 non-polymer 'CHLORIDE ION'
7 non-polymer 'ACETATE ION'
8 non-polymer DI(HYDROXYETHYL)ETHER
9 non-polymer 'PENTAETHYLENE GLYCOL'
10 non-polymer 'TETRAETHYLENE GLYCOL'
11 non-polymer 'TRIETHYLENE GLYCOL'
12 water water
#
_entity_poly.entity_id   1
_entity_poly.type   'polypeptide(L)'
_entity_poly.pdbx_seq_one_letter_code
;GPDYKFWYTQPVPKINDEFNESVNEPFISDNKVEDVRKDEYKLPPGYSWYVCDVKDEKDRSEIYTLLTDNYVEDDDNIFR
FNYSAEFLLWALTSPNYLKTWHIGVKYDASNKLIGFISAIPTDICIHKRTIKMAEVNFLCVHKTLRSKRLAPVLIKEITR
RINLENIWQAIYTAGVYLPKPVSDARYYHRSINVKKLIEIGFSSLNSRLTMSRAIKLYRVEDTLNIKNMRLMKKKDVEGV
HKLLGSYLEQFNLYAVFTKEEIAHWFLPIENVIYTYVNEENGKIKDMISFYSLPSQILGNDKYSTLNAAYSFYNVTTTAT
FKQLMQDAILLAKRNNFDVFNALEVMQNKSVFEDLKFGEGDGSLKYYLYNWKCASFAPAHVGIVLL
;
_entity_poly.pdbx_strand_id   A
#
loop_
_chem_comp.id
_chem_comp.type
_chem_comp.name
_chem_comp.formula
1PE non-polymer 'PENTAETHYLENE GLYCOL' 'C10 H22 O6'
ACT non-polymer 'ACETATE ION' 'C2 H3 O2 -1'
CL non-polymer 'CHLORIDE ION' 'Cl -1'
GOL non-polymer GLYCEROL 'C3 H8 O3'
MYA non-polymer TETRADECANOYL-COA 'C35 H62 N7 O17 P3 S'
PEG non-polymer DI(HYDROXYETHYL)ETHER 'C4 H10 O3'
PG4 non-polymer 'TETRAETHYLENE GLYCOL' 'C8 H18 O5'
PGE non-polymer 'TRIETHYLENE GLYCOL' 'C6 H14 O4'
SO4 non-polymer 'SULFATE ION' 'O4 S -2'
XOQ non-polymer 1-[(3M)-3-{3-[2-(1,3,5-trimethyl-1H-pyrazol-4-yl)ethoxy]pyridin-2-yl}phenyl]piperazine 'C23 H29 N5 O'
#
# COMPACT_ATOMS: atom_id res chain seq x y z
N PRO A 2 2.27 -16.84 18.28
CA PRO A 2 3.44 -16.09 18.75
C PRO A 2 4.76 -16.85 18.61
N ASP A 3 4.73 -18.10 18.13
CA ASP A 3 5.96 -18.88 18.01
C ASP A 3 6.41 -19.18 16.58
N TYR A 4 5.69 -18.69 15.54
CA TYR A 4 6.20 -18.70 14.17
C TYR A 4 6.48 -20.11 13.62
N LYS A 5 5.61 -21.07 13.96
N LYS A 5 5.61 -21.06 13.96
CA LYS A 5 5.85 -22.44 13.50
CA LYS A 5 5.80 -22.44 13.51
C LYS A 5 5.86 -22.51 11.97
C LYS A 5 5.84 -22.52 11.98
N PHE A 6 5.04 -21.71 11.30
CA PHE A 6 5.09 -21.71 9.83
C PHE A 6 6.23 -20.84 9.31
N TRP A 7 6.32 -19.62 9.80
CA TRP A 7 7.27 -18.69 9.21
C TRP A 7 8.71 -19.18 9.39
N TYR A 8 9.02 -19.86 10.49
CA TYR A 8 10.40 -20.32 10.61
C TYR A 8 10.73 -21.49 9.68
N THR A 9 9.77 -22.03 8.92
CA THR A 9 10.09 -22.97 7.85
C THR A 9 10.39 -22.28 6.51
N GLN A 10 10.26 -20.97 6.43
CA GLN A 10 10.35 -20.20 5.20
C GLN A 10 11.69 -19.50 5.11
N PRO A 11 12.12 -19.15 3.91
CA PRO A 11 13.39 -18.41 3.70
C PRO A 11 13.24 -16.93 4.00
N VAL A 12 13.00 -16.66 5.28
CA VAL A 12 12.98 -15.30 5.83
C VAL A 12 13.88 -15.28 7.06
N PRO A 13 14.29 -14.09 7.53
CA PRO A 13 15.14 -14.07 8.72
C PRO A 13 14.37 -14.54 9.95
N LYS A 14 15.10 -15.12 10.90
CA LYS A 14 14.57 -15.31 12.23
C LYS A 14 14.44 -13.96 12.93
N ILE A 15 13.63 -13.93 14.00
CA ILE A 15 13.17 -12.66 14.54
C ILE A 15 14.32 -11.84 15.12
N ASN A 16 15.37 -12.50 15.58
CA ASN A 16 16.51 -11.80 16.17
C ASN A 16 17.74 -11.83 15.26
N ASP A 17 17.56 -12.16 13.97
CA ASP A 17 18.66 -12.12 13.03
C ASP A 17 19.04 -10.68 12.72
N GLU A 18 20.34 -10.43 12.61
CA GLU A 18 20.83 -9.16 12.07
C GLU A 18 21.99 -9.48 11.13
N PHE A 19 21.97 -8.88 9.95
CA PHE A 19 22.95 -9.21 8.93
C PHE A 19 23.94 -8.07 8.71
N ASN A 20 25.11 -8.42 8.20
CA ASN A 20 26.17 -7.43 8.03
C ASN A 20 25.77 -6.44 6.94
N GLU A 21 26.51 -5.35 6.87
CA GLU A 21 26.12 -4.22 6.04
C GLU A 21 26.40 -4.40 4.56
N SER A 22 27.03 -5.50 4.13
CA SER A 22 27.25 -5.69 2.70
C SER A 22 26.45 -6.83 2.08
N VAL A 23 26.01 -7.81 2.86
CA VAL A 23 25.32 -8.97 2.26
C VAL A 23 24.03 -8.51 1.58
N ASN A 24 23.78 -9.05 0.40
CA ASN A 24 22.63 -8.64 -0.39
C ASN A 24 22.35 -9.71 -1.42
N GLU A 25 21.65 -10.78 -1.02
CA GLU A 25 21.48 -11.95 -1.88
C GLU A 25 20.42 -12.87 -1.31
N PRO A 26 19.96 -13.86 -2.07
CA PRO A 26 18.90 -14.74 -1.57
C PRO A 26 19.33 -15.58 -0.39
N PHE A 27 18.33 -16.02 0.40
CA PHE A 27 18.61 -17.11 1.35
C PHE A 27 18.78 -18.42 0.61
N ILE A 28 17.91 -18.70 -0.36
CA ILE A 28 17.95 -19.94 -1.15
C ILE A 28 18.17 -19.52 -2.59
N SER A 29 19.33 -19.86 -3.14
N SER A 29 19.36 -19.82 -3.12
CA SER A 29 19.74 -19.42 -4.47
CA SER A 29 19.80 -19.28 -4.40
C SER A 29 19.78 -20.61 -5.42
C SER A 29 19.77 -20.35 -5.49
N ASP A 30 20.04 -20.30 -6.70
CA ASP A 30 20.19 -21.31 -7.73
C ASP A 30 18.95 -22.20 -7.82
N ASN A 31 17.78 -21.58 -7.75
CA ASN A 31 16.52 -22.31 -7.86
C ASN A 31 16.25 -22.69 -9.31
N LYS A 32 15.59 -23.84 -9.49
CA LYS A 32 15.25 -24.40 -10.79
C LYS A 32 13.73 -24.55 -10.89
N VAL A 33 13.14 -23.97 -11.93
CA VAL A 33 11.71 -24.11 -12.13
C VAL A 33 11.32 -25.58 -12.22
N GLU A 34 12.22 -26.41 -12.77
CA GLU A 34 11.98 -27.84 -12.91
C GLU A 34 11.67 -28.52 -11.58
N ASP A 35 12.14 -27.93 -10.48
CA ASP A 35 12.00 -28.51 -9.15
C ASP A 35 10.73 -28.04 -8.44
N VAL A 36 9.96 -27.12 -9.04
CA VAL A 36 8.79 -26.55 -8.41
C VAL A 36 7.62 -27.53 -8.54
N ARG A 37 6.87 -27.70 -7.44
CA ARG A 37 5.67 -28.52 -7.48
C ARG A 37 4.75 -28.06 -8.59
N LYS A 38 4.32 -29.01 -9.45
CA LYS A 38 3.53 -28.65 -10.63
C LYS A 38 2.05 -28.64 -10.35
N ASP A 39 1.60 -29.24 -9.26
CA ASP A 39 0.19 -29.33 -8.96
C ASP A 39 -0.16 -28.45 -7.77
N GLU A 40 -1.41 -28.01 -7.74
CA GLU A 40 -1.90 -27.27 -6.60
C GLU A 40 -1.72 -28.08 -5.32
N TYR A 41 -1.48 -27.37 -4.22
CA TYR A 41 -1.42 -28.03 -2.91
C TYR A 41 -2.80 -28.58 -2.55
N LYS A 42 -2.79 -29.69 -1.83
N LYS A 42 -2.78 -29.69 -1.83
CA LYS A 42 -4.06 -30.32 -1.48
CA LYS A 42 -4.03 -30.32 -1.41
C LYS A 42 -4.76 -29.51 -0.39
C LYS A 42 -4.76 -29.43 -0.41
N LEU A 43 -6.08 -29.43 -0.50
CA LEU A 43 -6.94 -28.76 0.46
C LEU A 43 -7.79 -29.81 1.17
N PRO A 44 -8.38 -29.47 2.31
CA PRO A 44 -9.30 -30.40 2.96
C PRO A 44 -10.51 -30.66 2.09
N PRO A 45 -11.19 -31.79 2.30
N PRO A 45 -11.14 -31.83 2.23
CA PRO A 45 -12.42 -32.05 1.55
CA PRO A 45 -12.39 -32.06 1.49
C PRO A 45 -13.40 -30.91 1.75
C PRO A 45 -13.39 -30.93 1.74
N GLY A 46 -14.10 -30.55 0.67
CA GLY A 46 -15.07 -29.49 0.73
C GLY A 46 -14.54 -28.12 0.33
N TYR A 47 -13.24 -28.00 0.07
CA TYR A 47 -12.61 -26.74 -0.31
C TYR A 47 -11.86 -26.91 -1.62
N SER A 48 -11.83 -25.85 -2.44
CA SER A 48 -11.21 -25.92 -3.74
CA SER A 48 -11.20 -25.93 -3.74
C SER A 48 -10.52 -24.61 -4.09
N TRP A 49 -9.43 -24.72 -4.86
CA TRP A 49 -8.77 -23.53 -5.38
C TRP A 49 -9.60 -22.93 -6.50
N TYR A 50 -9.52 -21.60 -6.61
CA TYR A 50 -10.27 -20.87 -7.63
C TYR A 50 -9.37 -19.76 -8.17
N VAL A 51 -8.95 -19.87 -9.42
CA VAL A 51 -8.21 -18.77 -10.04
C VAL A 51 -9.22 -17.70 -10.43
N CYS A 52 -9.00 -16.49 -9.95
CA CYS A 52 -9.94 -15.38 -10.13
C CYS A 52 -9.58 -14.57 -11.37
N ASP A 53 -10.60 -14.16 -12.11
CA ASP A 53 -10.47 -13.18 -13.19
C ASP A 53 -11.01 -11.85 -12.65
N VAL A 54 -10.11 -10.96 -12.23
CA VAL A 54 -10.57 -9.72 -11.62
CA VAL A 54 -10.53 -9.71 -11.62
C VAL A 54 -11.21 -8.78 -12.63
N LYS A 55 -11.03 -9.03 -13.93
CA LYS A 55 -11.72 -8.26 -14.95
C LYS A 55 -13.18 -8.71 -15.15
N ASP A 56 -13.56 -9.84 -14.56
CA ASP A 56 -14.92 -10.36 -14.64
C ASP A 56 -15.73 -9.83 -13.45
N GLU A 57 -16.92 -9.29 -13.74
CA GLU A 57 -17.70 -8.68 -12.66
C GLU A 57 -18.02 -9.67 -11.55
N LYS A 58 -18.37 -10.92 -11.91
CA LYS A 58 -18.75 -11.90 -10.89
C LYS A 58 -17.58 -12.24 -9.98
N ASP A 59 -16.40 -12.54 -10.56
CA ASP A 59 -15.24 -12.87 -9.73
C ASP A 59 -14.83 -11.68 -8.88
N ARG A 60 -14.78 -10.49 -9.49
CA ARG A 60 -14.36 -9.30 -8.75
C ARG A 60 -15.30 -9.02 -7.59
N SER A 61 -16.61 -9.24 -7.80
CA SER A 61 -17.56 -8.99 -6.72
CA SER A 61 -17.56 -8.99 -6.72
CA SER A 61 -17.59 -9.00 -6.73
C SER A 61 -17.35 -9.94 -5.55
N GLU A 62 -16.98 -11.20 -5.84
CA GLU A 62 -16.69 -12.14 -4.75
C GLU A 62 -15.47 -11.68 -3.96
N ILE A 63 -14.41 -11.25 -4.66
CA ILE A 63 -13.22 -10.74 -3.97
C ILE A 63 -13.60 -9.52 -3.12
N TYR A 64 -14.35 -8.58 -3.72
CA TYR A 64 -14.74 -7.38 -3.02
C TYR A 64 -15.54 -7.70 -1.77
N THR A 65 -16.51 -8.61 -1.87
CA THR A 65 -17.31 -8.95 -0.71
C THR A 65 -16.46 -9.60 0.38
N LEU A 66 -15.55 -10.51 0.01
CA LEU A 66 -14.68 -11.11 1.01
C LEU A 66 -13.87 -10.06 1.74
N LEU A 67 -13.23 -9.16 1.00
CA LEU A 67 -12.36 -8.19 1.67
C LEU A 67 -13.17 -7.18 2.47
N THR A 68 -14.30 -6.72 1.93
CA THR A 68 -15.10 -5.74 2.66
C THR A 68 -15.50 -6.24 4.03
N ASP A 69 -15.86 -7.52 4.13
CA ASP A 69 -16.34 -8.09 5.38
C ASP A 69 -15.23 -8.68 6.23
N ASN A 70 -14.05 -8.97 5.66
CA ASN A 70 -13.08 -9.79 6.36
C ASN A 70 -11.63 -9.33 6.29
N TYR A 71 -11.33 -8.18 5.70
CA TYR A 71 -9.94 -7.78 5.52
C TYR A 71 -9.44 -6.99 6.74
N VAL A 72 -8.40 -6.17 6.56
CA VAL A 72 -7.59 -5.71 7.68
C VAL A 72 -8.40 -4.82 8.60
N GLU A 73 -8.28 -5.06 9.91
CA GLU A 73 -8.82 -4.18 10.93
C GLU A 73 -7.68 -3.64 11.76
N ASP A 74 -7.85 -2.45 12.33
CA ASP A 74 -6.87 -1.95 13.27
C ASP A 74 -6.91 -2.80 14.55
N ASP A 75 -5.93 -2.57 15.43
N ASP A 75 -5.92 -2.56 15.43
CA ASP A 75 -5.82 -3.45 16.60
CA ASP A 75 -5.77 -3.40 16.60
C ASP A 75 -6.89 -3.21 17.65
C ASP A 75 -6.91 -3.22 17.62
N ASP A 76 -7.71 -2.15 17.51
CA ASP A 76 -8.85 -1.93 18.39
C ASP A 76 -10.18 -2.24 17.71
N ASN A 77 -10.14 -2.77 16.49
CA ASN A 77 -11.35 -3.17 15.74
C ASN A 77 -12.35 -2.02 15.62
N ILE A 78 -11.80 -0.82 15.42
N ILE A 78 -11.81 -0.82 15.40
CA ILE A 78 -12.57 0.39 15.13
CA ILE A 78 -12.60 0.37 15.13
C ILE A 78 -12.85 0.50 13.64
C ILE A 78 -12.82 0.56 13.63
N PHE A 79 -11.90 0.06 12.81
CA PHE A 79 -11.89 0.30 11.37
C PHE A 79 -11.63 -1.00 10.63
N ARG A 80 -12.21 -1.12 9.44
CA ARG A 80 -11.85 -2.20 8.49
C ARG A 80 -11.63 -1.59 7.11
N PHE A 81 -10.51 -1.90 6.48
CA PHE A 81 -10.30 -1.33 5.14
C PHE A 81 -11.45 -1.75 4.22
N ASN A 82 -11.81 -0.85 3.34
CA ASN A 82 -12.89 -1.03 2.35
C ASN A 82 -12.38 -0.60 0.97
N TYR A 83 -11.39 -1.34 0.47
CA TYR A 83 -10.92 -1.14 -0.89
C TYR A 83 -12.09 -1.26 -1.87
N SER A 84 -12.23 -0.28 -2.74
CA SER A 84 -13.30 -0.38 -3.74
C SER A 84 -12.98 -1.49 -4.76
N ALA A 85 -14.04 -1.95 -5.41
CA ALA A 85 -13.85 -2.93 -6.48
C ALA A 85 -12.98 -2.36 -7.59
N GLU A 86 -13.13 -1.07 -7.87
CA GLU A 86 -12.27 -0.43 -8.84
C GLU A 86 -10.82 -0.45 -8.38
N PHE A 87 -10.58 -0.10 -7.12
CA PHE A 87 -9.21 -0.13 -6.59
C PHE A 87 -8.61 -1.52 -6.78
N LEU A 88 -9.39 -2.58 -6.46
CA LEU A 88 -8.90 -3.94 -6.61
C LEU A 88 -8.53 -4.24 -8.06
N LEU A 89 -9.38 -3.82 -9.03
CA LEU A 89 -9.03 -4.02 -10.43
C LEU A 89 -7.72 -3.34 -10.77
N TRP A 90 -7.62 -2.07 -10.39
CA TRP A 90 -6.42 -1.28 -10.67
C TRP A 90 -5.19 -1.90 -10.05
N ALA A 91 -5.27 -2.27 -8.77
CA ALA A 91 -4.09 -2.76 -8.08
C ALA A 91 -3.61 -4.11 -8.61
N LEU A 92 -4.51 -4.89 -9.21
CA LEU A 92 -4.18 -6.27 -9.55
C LEU A 92 -3.87 -6.47 -11.02
N THR A 93 -4.10 -5.46 -11.87
CA THR A 93 -3.98 -5.60 -13.32
C THR A 93 -2.91 -4.67 -13.88
N SER A 94 -1.85 -4.47 -13.11
CA SER A 94 -0.71 -3.70 -13.56
C SER A 94 -0.02 -4.40 -14.72
N PRO A 95 0.89 -3.71 -15.41
CA PRO A 95 1.42 -4.25 -16.66
C PRO A 95 2.05 -5.62 -16.46
N ASN A 96 1.71 -6.53 -17.37
CA ASN A 96 2.21 -7.91 -17.40
C ASN A 96 1.76 -8.73 -16.21
N TYR A 97 0.65 -8.36 -15.58
CA TYR A 97 0.13 -9.16 -14.49
C TYR A 97 -0.24 -10.55 -15.00
N LEU A 98 -0.30 -11.49 -14.07
CA LEU A 98 -0.70 -12.86 -14.32
C LEU A 98 -2.02 -13.16 -13.63
N LYS A 99 -3.02 -13.60 -14.42
N LYS A 99 -3.01 -13.60 -14.41
CA LYS A 99 -4.28 -14.04 -13.80
CA LYS A 99 -4.27 -14.03 -13.80
C LYS A 99 -4.04 -15.17 -12.81
C LYS A 99 -4.03 -15.16 -12.81
N THR A 100 -3.06 -16.03 -13.09
CA THR A 100 -2.82 -17.18 -12.23
C THR A 100 -2.15 -16.81 -10.92
N TRP A 101 -1.88 -15.53 -10.67
CA TRP A 101 -1.44 -15.07 -9.35
C TRP A 101 -2.54 -14.40 -8.56
N HIS A 102 -3.81 -14.55 -8.96
CA HIS A 102 -4.96 -14.00 -8.25
C HIS A 102 -5.76 -15.24 -7.81
N ILE A 103 -5.50 -15.71 -6.59
N ILE A 103 -5.48 -15.78 -6.63
CA ILE A 103 -5.89 -17.05 -6.16
CA ILE A 103 -5.96 -17.12 -6.29
C ILE A 103 -6.89 -16.95 -5.02
C ILE A 103 -6.81 -17.08 -5.03
N GLY A 104 -7.97 -17.73 -5.11
CA GLY A 104 -8.90 -17.82 -4.02
C GLY A 104 -9.13 -19.27 -3.61
N VAL A 105 -9.81 -19.43 -2.50
CA VAL A 105 -10.26 -20.74 -2.03
C VAL A 105 -11.76 -20.64 -1.82
N LYS A 106 -12.49 -21.59 -2.37
CA LYS A 106 -13.93 -21.63 -2.23
C LYS A 106 -14.35 -22.76 -1.31
N TYR A 107 -15.45 -22.52 -0.61
CA TYR A 107 -16.13 -23.54 0.16
C TYR A 107 -17.11 -24.18 -0.81
N ASP A 108 -16.87 -25.45 -1.13
CA ASP A 108 -17.59 -26.06 -2.25
C ASP A 108 -19.08 -26.11 -1.99
N ALA A 109 -19.49 -26.37 -0.74
CA ALA A 109 -20.89 -26.56 -0.44
C ALA A 109 -21.72 -25.33 -0.82
N SER A 110 -21.12 -24.14 -0.69
CA SER A 110 -21.82 -22.89 -0.95
C SER A 110 -21.27 -22.13 -2.15
N ASN A 111 -20.13 -22.56 -2.69
CA ASN A 111 -19.47 -21.91 -3.81
C ASN A 111 -19.10 -20.47 -3.49
N LYS A 112 -18.83 -20.17 -2.23
CA LYS A 112 -18.43 -18.83 -1.82
C LYS A 112 -16.93 -18.77 -1.55
N LEU A 113 -16.38 -17.60 -1.83
CA LEU A 113 -14.96 -17.36 -1.63
C LEU A 113 -14.68 -17.13 -0.16
N ILE A 114 -13.81 -17.94 0.44
CA ILE A 114 -13.50 -17.83 1.86
C ILE A 114 -12.02 -17.57 2.11
N GLY A 115 -11.21 -17.50 1.05
CA GLY A 115 -9.82 -17.12 1.17
C GLY A 115 -9.32 -16.52 -0.13
N PHE A 116 -8.27 -15.69 -0.01
CA PHE A 116 -7.71 -15.01 -1.17
C PHE A 116 -6.28 -14.60 -0.85
N ILE A 117 -5.46 -14.56 -1.89
CA ILE A 117 -4.14 -13.92 -1.86
C ILE A 117 -3.80 -13.56 -3.29
N SER A 118 -2.97 -12.55 -3.47
CA SER A 118 -2.66 -12.10 -4.81
C SER A 118 -1.21 -11.64 -4.89
N ALA A 119 -0.69 -11.61 -6.11
CA ALA A 119 0.60 -10.98 -6.36
C ALA A 119 0.60 -10.33 -7.75
N ILE A 120 1.44 -9.32 -7.92
CA ILE A 120 1.71 -8.74 -9.24
C ILE A 120 3.22 -8.67 -9.42
N PRO A 121 3.71 -8.74 -10.65
CA PRO A 121 5.16 -8.68 -10.89
C PRO A 121 5.68 -7.26 -10.98
N THR A 122 6.88 -7.08 -10.44
CA THR A 122 7.49 -5.77 -10.37
C THR A 122 9.01 -5.94 -10.29
N ASP A 123 9.76 -4.98 -10.82
CA ASP A 123 11.21 -4.96 -10.65
C ASP A 123 11.54 -4.10 -9.44
N ILE A 124 12.27 -4.67 -8.47
CA ILE A 124 12.55 -4.04 -7.19
C ILE A 124 14.06 -3.89 -7.09
N CYS A 125 14.51 -2.67 -6.81
CA CYS A 125 15.92 -2.42 -6.55
C CYS A 125 16.13 -2.43 -5.04
N ILE A 126 17.00 -3.31 -4.57
CA ILE A 126 17.30 -3.45 -3.14
C ILE A 126 18.81 -3.35 -2.99
N HIS A 127 19.25 -2.33 -2.24
CA HIS A 127 20.68 -2.06 -2.07
C HIS A 127 21.41 -2.11 -3.42
N LYS A 128 20.84 -1.43 -4.41
CA LYS A 128 21.41 -1.20 -5.74
C LYS A 128 21.38 -2.42 -6.66
N ARG A 129 20.71 -3.50 -6.26
CA ARG A 129 20.54 -4.68 -7.10
C ARG A 129 19.09 -4.78 -7.51
N THR A 130 18.82 -4.84 -8.82
CA THR A 130 17.44 -4.95 -9.31
C THR A 130 17.04 -6.41 -9.51
N ILE A 131 15.95 -6.80 -8.88
CA ILE A 131 15.48 -8.17 -8.83
C ILE A 131 14.01 -8.17 -9.27
N LYS A 132 13.63 -9.11 -10.12
CA LYS A 132 12.21 -9.27 -10.43
C LYS A 132 11.54 -9.95 -9.24
N MET A 133 10.50 -9.30 -8.71
CA MET A 133 9.82 -9.79 -7.53
C MET A 133 8.33 -9.84 -7.75
N ALA A 134 7.69 -10.65 -6.93
CA ALA A 134 6.24 -10.62 -6.76
C ALA A 134 5.92 -9.67 -5.60
N GLU A 135 4.97 -8.76 -5.83
CA GLU A 135 4.42 -7.89 -4.78
C GLU A 135 3.12 -8.56 -4.32
N VAL A 136 3.12 -9.06 -3.08
CA VAL A 136 2.03 -9.85 -2.53
C VAL A 136 1.12 -8.96 -1.69
N ASN A 137 -0.19 -9.14 -1.85
CA ASN A 137 -1.15 -8.27 -1.19
C ASN A 137 -2.47 -9.02 -1.07
N PHE A 138 -3.34 -8.48 -0.21
CA PHE A 138 -4.75 -8.93 -0.08
C PHE A 138 -4.87 -10.38 0.39
N LEU A 139 -3.95 -10.82 1.24
CA LEU A 139 -4.14 -12.08 1.95
C LEU A 139 -5.32 -11.96 2.89
N CYS A 140 -6.29 -12.86 2.76
CA CYS A 140 -7.50 -12.72 3.57
C CYS A 140 -8.14 -14.07 3.77
N VAL A 141 -8.50 -14.37 5.02
CA VAL A 141 -9.29 -15.54 5.38
C VAL A 141 -10.61 -15.08 5.98
N HIS A 142 -11.71 -15.64 5.48
CA HIS A 142 -13.03 -15.31 6.01
C HIS A 142 -13.03 -15.48 7.53
N LYS A 143 -13.71 -14.55 8.22
CA LYS A 143 -13.77 -14.61 9.68
C LYS A 143 -14.23 -15.98 10.19
N THR A 144 -15.18 -16.63 9.50
CA THR A 144 -15.68 -17.91 10.00
C THR A 144 -14.63 -19.01 9.94
N LEU A 145 -13.57 -18.85 9.14
CA LEU A 145 -12.55 -19.88 8.96
C LEU A 145 -11.20 -19.49 9.55
N ARG A 146 -11.18 -18.54 10.47
CA ARG A 146 -9.93 -18.12 11.08
C ARG A 146 -9.36 -19.20 11.97
N SER A 147 -8.03 -19.17 12.09
CA SER A 147 -7.29 -20.05 12.99
C SER A 147 -7.44 -21.52 12.60
N LYS A 148 -7.56 -21.78 11.30
CA LYS A 148 -7.59 -23.14 10.78
C LYS A 148 -6.38 -23.44 9.90
N ARG A 149 -5.37 -22.59 9.93
CA ARG A 149 -4.13 -22.74 9.17
C ARG A 149 -4.36 -22.64 7.67
N LEU A 150 -5.35 -21.87 7.25
N LEU A 150 -5.36 -21.86 7.26
CA LEU A 150 -5.53 -21.63 5.82
CA LEU A 150 -5.56 -21.60 5.84
C LEU A 150 -4.52 -20.63 5.28
C LEU A 150 -4.50 -20.65 5.30
N ALA A 151 -4.06 -19.68 6.10
CA ALA A 151 -3.15 -18.68 5.58
C ALA A 151 -1.84 -19.32 5.13
N PRO A 152 -1.23 -20.25 5.86
CA PRO A 152 -0.01 -20.86 5.33
C PRO A 152 -0.22 -21.56 4.00
N VAL A 153 -1.38 -22.18 3.77
CA VAL A 153 -1.60 -22.85 2.49
C VAL A 153 -1.73 -21.83 1.37
N LEU A 154 -2.44 -20.72 1.63
CA LEU A 154 -2.53 -19.65 0.64
C LEU A 154 -1.14 -19.13 0.29
N ILE A 155 -0.30 -18.92 1.30
CA ILE A 155 1.04 -18.41 1.05
C ILE A 155 1.86 -19.41 0.25
N LYS A 156 1.83 -20.69 0.64
CA LYS A 156 2.61 -21.69 -0.09
C LYS A 156 2.14 -21.82 -1.52
N GLU A 157 0.82 -21.76 -1.74
CA GLU A 157 0.30 -21.94 -3.08
C GLU A 157 0.69 -20.76 -3.98
N ILE A 158 0.60 -19.54 -3.47
N ILE A 158 0.59 -19.54 -3.47
CA ILE A 158 1.01 -18.45 -4.36
CA ILE A 158 1.00 -18.41 -4.30
C ILE A 158 2.51 -18.47 -4.57
C ILE A 158 2.49 -18.47 -4.56
N THR A 159 3.27 -18.92 -3.56
CA THR A 159 4.71 -19.07 -3.74
C THR A 159 5.01 -20.03 -4.88
N ARG A 160 4.31 -21.18 -4.90
CA ARG A 160 4.46 -22.15 -5.98
C ARG A 160 4.18 -21.49 -7.33
N ARG A 161 3.07 -20.77 -7.42
CA ARG A 161 2.69 -20.16 -8.69
C ARG A 161 3.68 -19.10 -9.14
N ILE A 162 4.25 -18.36 -8.19
CA ILE A 162 5.28 -17.37 -8.52
C ILE A 162 6.56 -18.07 -8.95
N ASN A 163 6.96 -19.11 -8.22
CA ASN A 163 8.19 -19.84 -8.54
C ASN A 163 8.08 -20.48 -9.92
N LEU A 164 6.89 -20.90 -10.33
CA LEU A 164 6.75 -21.47 -11.66
C LEU A 164 7.08 -20.48 -12.76
N GLU A 165 7.05 -19.19 -12.46
CA GLU A 165 7.43 -18.16 -13.42
C GLU A 165 8.90 -17.77 -13.28
N ASN A 166 9.69 -18.55 -12.56
CA ASN A 166 11.12 -18.30 -12.37
C ASN A 166 11.36 -17.03 -11.57
N ILE A 167 10.49 -16.75 -10.62
CA ILE A 167 10.61 -15.63 -9.71
C ILE A 167 10.68 -16.19 -8.30
N TRP A 168 11.69 -15.73 -7.53
CA TRP A 168 12.07 -16.37 -6.28
C TRP A 168 12.08 -15.42 -5.10
N GLN A 169 11.75 -14.15 -5.31
CA GLN A 169 11.70 -13.15 -4.28
C GLN A 169 10.34 -12.48 -4.28
N ALA A 170 9.93 -11.97 -3.12
CA ALA A 170 8.70 -11.19 -3.01
C ALA A 170 8.91 -10.03 -2.04
N ILE A 171 8.05 -9.04 -2.19
CA ILE A 171 7.96 -7.88 -1.33
C ILE A 171 6.51 -7.75 -0.87
N TYR A 172 6.33 -7.35 0.38
CA TYR A 172 5.00 -7.18 0.97
C TYR A 172 5.12 -6.30 2.20
N THR A 173 4.00 -5.71 2.59
CA THR A 173 3.94 -4.97 3.85
C THR A 173 2.87 -5.57 4.74
N ALA A 174 3.01 -5.33 6.04
CA ALA A 174 1.98 -5.70 7.01
C ALA A 174 2.10 -4.78 8.21
N GLY A 175 0.96 -4.53 8.85
CA GLY A 175 0.96 -3.81 10.12
C GLY A 175 1.38 -4.66 11.30
N VAL A 176 1.34 -5.98 11.16
CA VAL A 176 1.76 -6.91 12.19
C VAL A 176 3.26 -7.20 12.02
N TYR A 177 3.87 -7.64 13.11
CA TYR A 177 5.27 -7.99 13.13
C TYR A 177 5.42 -9.48 12.83
N LEU A 178 6.12 -9.78 11.75
CA LEU A 178 6.42 -11.10 11.24
C LEU A 178 7.94 -11.21 11.13
N PRO A 179 8.48 -12.41 11.02
CA PRO A 179 9.91 -12.52 10.71
C PRO A 179 10.16 -12.16 9.25
N LYS A 180 10.98 -11.13 8.97
CA LYS A 180 11.51 -10.10 9.87
C LYS A 180 11.57 -8.82 8.99
N PRO A 181 11.15 -7.66 9.51
CA PRO A 181 11.11 -6.47 8.66
C PRO A 181 12.50 -6.08 8.16
N VAL A 182 12.56 -5.67 6.89
CA VAL A 182 13.72 -4.97 6.35
C VAL A 182 13.67 -3.50 6.73
N SER A 183 12.48 -2.96 6.98
CA SER A 183 12.33 -1.61 7.52
C SER A 183 10.97 -1.53 8.18
N ASP A 184 10.84 -0.59 9.11
CA ASP A 184 9.61 -0.45 9.90
C ASP A 184 9.31 1.06 9.97
N ALA A 185 8.16 1.47 9.42
CA ALA A 185 7.82 2.89 9.26
C ALA A 185 6.56 3.24 10.04
N ARG A 186 6.69 4.07 11.05
CA ARG A 186 5.51 4.62 11.70
C ARG A 186 4.67 5.39 10.68
N TYR A 187 3.35 5.36 10.86
CA TYR A 187 2.49 6.22 10.08
C TYR A 187 1.97 7.39 10.90
N TYR A 188 1.67 8.46 10.19
CA TYR A 188 1.25 9.75 10.74
C TYR A 188 0.03 10.20 9.95
N HIS A 189 -0.75 11.09 10.54
CA HIS A 189 -1.94 11.60 9.84
C HIS A 189 -2.03 13.11 9.99
N ARG A 190 -2.54 13.75 8.95
CA ARG A 190 -2.93 15.16 9.01
C ARG A 190 -4.45 15.20 8.97
N SER A 191 -5.04 15.63 10.10
CA SER A 191 -6.49 15.74 10.19
C SER A 191 -7.00 16.79 9.22
N ILE A 192 -8.08 16.45 8.49
CA ILE A 192 -8.77 17.41 7.65
C ILE A 192 -10.18 17.66 8.16
N ASN A 193 -11.01 16.62 8.25
CA ASN A 193 -12.35 16.72 8.80
CA ASN A 193 -12.35 16.77 8.80
C ASN A 193 -12.25 16.45 10.29
N VAL A 194 -11.92 17.50 11.04
CA VAL A 194 -11.44 17.35 12.40
C VAL A 194 -12.49 16.72 13.30
N LYS A 195 -13.72 17.24 13.26
CA LYS A 195 -14.73 16.76 14.18
C LYS A 195 -15.05 15.30 13.92
N LYS A 196 -15.14 14.91 12.66
CA LYS A 196 -15.42 13.51 12.35
C LYS A 196 -14.32 12.60 12.91
N LEU A 197 -13.06 12.98 12.71
CA LEU A 197 -11.97 12.11 13.16
C LEU A 197 -12.00 11.94 14.67
N ILE A 198 -12.32 13.02 15.39
CA ILE A 198 -12.40 12.91 16.85
CA ILE A 198 -12.40 12.92 16.84
C ILE A 198 -13.61 12.09 17.26
N GLU A 199 -14.75 12.32 16.63
CA GLU A 199 -15.95 11.60 17.04
C GLU A 199 -15.85 10.10 16.83
N ILE A 200 -15.12 9.65 15.79
CA ILE A 200 -15.04 8.22 15.51
C ILE A 200 -13.88 7.55 16.20
N GLY A 201 -13.05 8.29 16.94
CA GLY A 201 -11.93 7.70 17.65
C GLY A 201 -10.64 7.57 16.88
N PHE A 202 -10.54 8.20 15.70
CA PHE A 202 -9.30 8.16 14.95
C PHE A 202 -8.27 9.09 15.59
N SER A 203 -8.73 10.26 16.02
N SER A 203 -8.72 10.26 16.03
CA SER A 203 -7.91 11.28 16.64
CA SER A 203 -7.86 11.27 16.64
C SER A 203 -8.43 11.50 18.06
C SER A 203 -8.44 11.59 18.02
N SER A 204 -7.56 11.97 18.93
CA SER A 204 -7.95 12.37 20.27
C SER A 204 -7.94 13.90 20.34
N LEU A 205 -8.92 14.46 21.04
CA LEU A 205 -8.93 15.90 21.30
C LEU A 205 -7.95 16.21 22.44
N ASN A 206 -6.92 16.99 22.15
CA ASN A 206 -6.01 17.45 23.20
C ASN A 206 -6.80 18.07 24.34
N SER A 207 -6.38 17.78 25.58
CA SER A 207 -7.15 18.19 26.74
C SER A 207 -7.16 19.70 26.94
N ARG A 208 -6.25 20.45 26.30
CA ARG A 208 -6.27 21.90 26.43
C ARG A 208 -7.13 22.57 25.37
N LEU A 209 -7.78 21.80 24.47
CA LEU A 209 -8.51 22.33 23.32
C LEU A 209 -9.99 21.97 23.38
N THR A 210 -10.82 22.93 23.03
CA THR A 210 -12.22 22.65 22.69
C THR A 210 -12.30 22.05 21.30
N MET A 211 -13.42 21.38 21.03
CA MET A 211 -13.63 20.87 19.68
C MET A 211 -13.58 22.00 18.66
N SER A 212 -14.26 23.10 18.96
N SER A 212 -14.27 23.10 18.94
CA SER A 212 -14.27 24.23 18.03
CA SER A 212 -14.26 24.24 18.03
C SER A 212 -12.87 24.78 17.78
C SER A 212 -12.85 24.73 17.77
N ARG A 213 -12.04 24.84 18.83
CA ARG A 213 -10.69 25.34 18.64
C ARG A 213 -9.85 24.36 17.81
N ALA A 214 -10.00 23.05 18.03
CA ALA A 214 -9.25 22.09 17.23
C ALA A 214 -9.62 22.21 15.76
N ILE A 215 -10.89 22.45 15.49
CA ILE A 215 -11.31 22.60 14.10
C ILE A 215 -10.59 23.78 13.46
N LYS A 216 -10.50 24.89 14.20
CA LYS A 216 -9.80 26.08 13.70
C LYS A 216 -8.31 25.82 13.54
N LEU A 217 -7.67 25.21 14.54
CA LEU A 217 -6.22 25.07 14.53
C LEU A 217 -5.76 24.13 13.44
N TYR A 218 -6.56 23.14 13.07
CA TYR A 218 -6.15 22.14 12.10
C TYR A 218 -6.74 22.44 10.73
N ARG A 219 -7.17 23.67 10.50
CA ARG A 219 -7.52 24.10 9.16
C ARG A 219 -6.33 23.89 8.21
N VAL A 220 -6.58 23.77 6.91
N VAL A 220 -6.70 23.80 6.93
CA VAL A 220 -5.49 23.57 5.97
CA VAL A 220 -5.79 23.83 5.78
C VAL A 220 -5.11 24.92 5.35
C VAL A 220 -6.16 25.04 4.95
N GLU A 221 -4.01 24.94 4.59
N GLU A 221 -5.22 25.96 4.79
CA GLU A 221 -3.55 26.19 4.01
CA GLU A 221 -5.46 27.16 3.99
C GLU A 221 -4.62 26.76 3.08
C GLU A 221 -5.70 26.80 2.52
N ASP A 222 -4.62 28.09 2.94
N ASP A 222 -6.67 27.47 1.90
CA ASP A 222 -5.66 28.75 2.17
CA ASP A 222 -7.12 27.11 0.57
C ASP A 222 -5.50 28.51 0.68
C ASP A 222 -6.24 27.66 -0.54
N THR A 223 -4.26 28.51 0.18
N THR A 223 -4.97 27.93 -0.26
CA THR A 223 -4.03 28.37 -1.26
CA THR A 223 -4.05 28.50 -1.23
C THR A 223 -2.76 27.57 -1.52
C THR A 223 -2.90 27.52 -1.45
N LEU A 224 -2.61 27.13 -2.77
N LEU A 224 -2.56 27.27 -2.71
CA LEU A 224 -1.47 26.32 -3.13
CA LEU A 224 -1.48 26.36 -3.05
C LEU A 224 -0.16 27.12 -3.08
C LEU A 224 -0.15 27.10 -3.11
N ASN A 225 0.91 26.42 -2.67
CA ASN A 225 2.25 26.96 -2.83
C ASN A 225 2.70 26.87 -4.28
N ILE A 226 2.34 25.77 -4.96
CA ILE A 226 2.71 25.55 -6.35
C ILE A 226 1.44 25.76 -7.14
N LYS A 227 1.22 26.98 -7.61
CA LYS A 227 -0.14 27.32 -8.05
C LYS A 227 -0.52 26.70 -9.38
N ASN A 228 0.44 26.23 -10.18
N ASN A 228 0.42 26.21 -10.19
CA ASN A 228 0.16 25.66 -11.50
CA ASN A 228 0.05 25.64 -11.47
C ASN A 228 -0.20 24.17 -11.44
C ASN A 228 -0.11 24.12 -11.42
N MET A 229 -0.31 23.57 -10.25
N MET A 229 -0.31 23.55 -10.24
CA MET A 229 -0.65 22.16 -10.14
CA MET A 229 -0.62 22.12 -10.15
C MET A 229 -1.91 21.83 -10.94
C MET A 229 -1.90 21.82 -10.92
N ARG A 230 -1.88 20.72 -11.67
CA ARG A 230 -3.06 20.25 -12.38
C ARG A 230 -3.03 18.74 -12.41
N LEU A 231 -4.19 18.13 -12.67
CA LEU A 231 -4.20 16.68 -12.76
C LEU A 231 -3.32 16.20 -13.91
N MET A 232 -2.63 15.10 -13.67
CA MET A 232 -1.79 14.47 -14.68
C MET A 232 -2.62 14.02 -15.87
N LYS A 233 -2.03 14.15 -17.06
CA LYS A 233 -2.62 13.71 -18.31
C LYS A 233 -1.71 12.69 -18.98
N LYS A 234 -2.27 11.97 -19.97
CA LYS A 234 -1.50 10.97 -20.70
C LYS A 234 -0.18 11.54 -21.25
N LYS A 235 -0.19 12.78 -21.73
CA LYS A 235 1.03 13.32 -22.32
C LYS A 235 2.15 13.49 -21.29
N ASP A 236 1.84 13.41 -20.00
CA ASP A 236 2.82 13.63 -18.94
C ASP A 236 3.57 12.37 -18.53
N VAL A 237 3.24 11.21 -19.11
CA VAL A 237 3.75 9.94 -18.58
C VAL A 237 5.28 9.90 -18.62
N GLU A 238 5.88 10.21 -19.76
CA GLU A 238 7.34 10.09 -19.81
C GLU A 238 8.01 11.12 -18.90
N GLY A 239 7.41 12.32 -18.76
CA GLY A 239 7.97 13.31 -17.84
C GLY A 239 7.92 12.88 -16.39
N VAL A 240 6.81 12.27 -15.97
CA VAL A 240 6.74 11.71 -14.62
C VAL A 240 7.73 10.58 -14.46
N HIS A 241 7.80 9.69 -15.45
N HIS A 241 7.83 9.70 -15.47
CA HIS A 241 8.81 8.62 -15.46
CA HIS A 241 8.84 8.64 -15.48
C HIS A 241 10.20 9.17 -15.17
C HIS A 241 10.23 9.19 -15.20
N LYS A 242 10.59 10.24 -15.86
N LYS A 242 10.61 10.29 -15.88
CA LYS A 242 11.93 10.81 -15.68
CA LYS A 242 11.95 10.83 -15.69
C LYS A 242 12.10 11.44 -14.30
C LYS A 242 12.11 11.46 -14.31
N LEU A 243 11.13 12.26 -13.89
CA LEU A 243 11.22 12.92 -12.58
C LEU A 243 11.26 11.90 -11.44
N LEU A 244 10.25 11.02 -11.39
CA LEU A 244 10.16 10.06 -10.29
C LEU A 244 11.32 9.07 -10.35
N GLY A 245 11.67 8.60 -11.56
CA GLY A 245 12.70 7.58 -11.67
C GLY A 245 14.04 8.09 -11.19
N SER A 246 14.33 9.36 -11.45
CA SER A 246 15.56 9.96 -10.98
C SER A 246 15.53 10.12 -9.46
N TYR A 247 14.40 10.56 -8.91
CA TYR A 247 14.28 10.75 -7.48
C TYR A 247 14.49 9.45 -6.72
N LEU A 248 13.90 8.36 -7.21
CA LEU A 248 13.86 7.12 -6.46
C LEU A 248 15.20 6.42 -6.38
N GLU A 249 16.12 6.72 -7.29
CA GLU A 249 17.41 6.03 -7.31
C GLU A 249 18.25 6.30 -6.06
N GLN A 250 17.91 7.28 -5.25
CA GLN A 250 18.68 7.52 -4.04
C GLN A 250 18.34 6.55 -2.90
N PHE A 251 17.30 5.75 -3.03
CA PHE A 251 16.84 4.98 -1.89
C PHE A 251 17.39 3.56 -1.91
N ASN A 252 17.33 2.91 -0.74
CA ASN A 252 17.83 1.54 -0.61
C ASN A 252 16.84 0.52 -1.14
N LEU A 253 15.59 0.90 -1.32
CA LEU A 253 14.54 -0.01 -1.72
C LEU A 253 13.52 0.78 -2.53
N TYR A 254 13.33 0.41 -3.79
CA TYR A 254 12.36 1.13 -4.62
C TYR A 254 11.98 0.30 -5.83
N ALA A 255 10.83 0.61 -6.39
CA ALA A 255 10.40 -0.03 -7.63
C ALA A 255 11.02 0.68 -8.82
N VAL A 256 11.45 -0.12 -9.79
CA VAL A 256 12.04 0.40 -11.01
C VAL A 256 10.91 0.40 -12.03
N PHE A 257 10.28 1.55 -12.21
CA PHE A 257 9.09 1.65 -13.04
C PHE A 257 9.42 1.82 -14.51
N THR A 258 8.70 1.08 -15.37
CA THR A 258 8.70 1.36 -16.79
C THR A 258 7.69 2.47 -17.10
N LYS A 259 7.80 2.99 -18.33
N LYS A 259 7.77 2.98 -18.34
N LYS A 259 7.76 2.99 -18.33
CA LYS A 259 6.83 3.98 -18.79
CA LYS A 259 6.81 3.97 -18.78
CA LYS A 259 6.82 4.03 -18.74
C LYS A 259 5.40 3.42 -18.69
C LYS A 259 5.38 3.44 -18.67
C LYS A 259 5.40 3.50 -18.62
N GLU A 260 5.22 2.16 -19.07
N GLU A 260 5.17 2.18 -19.08
CA GLU A 260 3.89 1.54 -18.99
CA GLU A 260 3.85 1.57 -18.98
C GLU A 260 3.40 1.49 -17.54
C GLU A 260 3.39 1.50 -17.52
N GLU A 261 4.30 1.21 -16.61
CA GLU A 261 3.92 1.18 -15.20
C GLU A 261 3.58 2.58 -14.68
N ILE A 262 4.32 3.61 -15.11
CA ILE A 262 3.96 4.96 -14.70
C ILE A 262 2.53 5.28 -15.13
N ALA A 263 2.21 4.98 -16.39
CA ALA A 263 0.87 5.25 -16.88
C ALA A 263 -0.18 4.54 -16.02
N HIS A 264 0.07 3.26 -15.70
CA HIS A 264 -0.89 2.50 -14.91
C HIS A 264 -1.07 3.07 -13.50
N TRP A 265 0.03 3.33 -12.81
CA TRP A 265 -0.07 3.66 -11.40
C TRP A 265 -0.40 5.10 -11.12
N PHE A 266 -0.17 6.01 -12.07
CA PHE A 266 -0.31 7.43 -11.78
C PHE A 266 -1.42 8.14 -12.52
N LEU A 267 -1.84 7.68 -13.70
CA LEU A 267 -2.86 8.45 -14.40
C LEU A 267 -4.14 8.43 -13.57
N PRO A 268 -4.78 9.58 -13.35
CA PRO A 268 -5.80 9.69 -12.30
C PRO A 268 -7.04 8.87 -12.59
N ILE A 269 -7.61 8.36 -11.49
CA ILE A 269 -8.94 7.73 -11.48
C ILE A 269 -9.66 8.29 -10.26
N GLU A 270 -10.77 8.98 -10.48
CA GLU A 270 -11.49 9.63 -9.38
C GLU A 270 -11.79 8.64 -8.26
N ASN A 271 -11.51 9.08 -7.03
CA ASN A 271 -11.68 8.34 -5.78
C ASN A 271 -10.88 7.04 -5.77
N VAL A 272 -9.79 7.00 -6.53
CA VAL A 272 -8.87 5.86 -6.47
C VAL A 272 -7.43 6.35 -6.41
N ILE A 273 -6.98 7.07 -7.45
CA ILE A 273 -5.61 7.56 -7.54
C ILE A 273 -5.61 8.97 -8.10
N TYR A 274 -4.93 9.87 -7.39
CA TYR A 274 -4.77 11.27 -7.75
C TYR A 274 -3.29 11.54 -8.00
N THR A 275 -2.97 12.08 -9.15
CA THR A 275 -1.64 12.61 -9.42
C THR A 275 -1.80 14.01 -9.97
N TYR A 276 -1.11 14.95 -9.36
CA TYR A 276 -1.04 16.34 -9.80
C TYR A 276 0.39 16.66 -10.19
N VAL A 277 0.53 17.46 -11.25
CA VAL A 277 1.84 17.81 -11.76
C VAL A 277 1.95 19.30 -11.96
N ASN A 278 3.17 19.81 -11.83
CA ASN A 278 3.54 21.15 -12.23
C ASN A 278 4.41 20.97 -13.46
N GLU A 279 3.82 21.24 -14.62
CA GLU A 279 4.42 20.94 -15.91
C GLU A 279 4.69 22.23 -16.65
N GLU A 280 5.85 22.29 -17.28
CA GLU A 280 6.19 23.45 -18.11
C GLU A 280 7.05 22.96 -19.26
N ASN A 281 6.61 23.24 -20.49
CA ASN A 281 7.35 22.86 -21.69
C ASN A 281 7.68 21.38 -21.69
N GLY A 282 6.75 20.58 -21.17
CA GLY A 282 6.88 19.14 -21.22
C GLY A 282 7.77 18.55 -20.15
N LYS A 283 8.35 19.38 -19.30
CA LYS A 283 9.06 18.92 -18.12
C LYS A 283 8.10 18.91 -16.94
N ILE A 284 8.13 17.82 -16.19
CA ILE A 284 7.39 17.75 -14.94
C ILE A 284 8.33 18.21 -13.85
N LYS A 285 8.06 19.39 -13.30
CA LYS A 285 8.93 19.99 -12.28
C LYS A 285 8.58 19.54 -10.88
N ASP A 286 7.34 19.18 -10.61
CA ASP A 286 6.88 18.80 -9.29
C ASP A 286 5.74 17.82 -9.50
N MET A 287 5.58 16.86 -8.59
CA MET A 287 4.43 15.97 -8.64
C MET A 287 3.97 15.62 -7.23
N ILE A 288 2.66 15.47 -7.10
CA ILE A 288 1.99 15.04 -5.88
C ILE A 288 1.11 13.86 -6.25
N SER A 289 1.13 12.79 -5.45
CA SER A 289 0.18 11.73 -5.66
C SER A 289 -0.27 11.11 -4.34
N PHE A 290 -1.53 10.68 -4.34
CA PHE A 290 -2.11 10.01 -3.20
C PHE A 290 -3.23 9.11 -3.69
N TYR A 291 -3.47 8.01 -2.96
CA TYR A 291 -4.54 7.08 -3.31
C TYR A 291 -5.63 7.07 -2.24
N SER A 292 -6.80 6.61 -2.65
CA SER A 292 -8.01 6.65 -1.87
C SER A 292 -8.30 5.27 -1.31
N LEU A 293 -8.29 5.16 0.02
CA LEU A 293 -8.55 3.88 0.70
C LEU A 293 -9.44 4.18 1.89
N PRO A 294 -10.75 4.00 1.77
CA PRO A 294 -11.63 4.26 2.93
C PRO A 294 -11.59 3.10 3.90
N SER A 295 -11.90 3.40 5.16
CA SER A 295 -12.12 2.38 6.17
C SER A 295 -13.55 2.46 6.66
N GLN A 296 -14.20 1.31 6.67
CA GLN A 296 -15.52 1.19 7.29
C GLN A 296 -15.38 1.45 8.77
N ILE A 297 -16.27 2.28 9.33
CA ILE A 297 -16.20 2.64 10.75
C ILE A 297 -17.10 1.66 11.49
N LEU A 298 -16.49 0.69 12.16
CA LEU A 298 -17.25 -0.44 12.66
C LEU A 298 -18.13 -0.05 13.84
N GLY A 299 -19.39 -0.46 13.78
CA GLY A 299 -20.30 -0.27 14.89
C GLY A 299 -20.72 1.14 15.13
N ASN A 300 -20.51 2.02 14.15
CA ASN A 300 -20.80 3.45 14.29
C ASN A 300 -21.83 3.81 13.24
N ASP A 301 -23.04 4.18 13.68
CA ASP A 301 -24.10 4.48 12.72
C ASP A 301 -24.15 5.97 12.37
N LYS A 302 -23.31 6.82 12.97
CA LYS A 302 -23.35 8.23 12.61
C LYS A 302 -22.61 8.50 11.32
N TYR A 303 -21.56 7.73 11.05
CA TYR A 303 -20.76 7.90 9.86
C TYR A 303 -20.61 6.55 9.19
N SER A 304 -20.37 6.55 7.88
CA SER A 304 -20.20 5.27 7.18
C SER A 304 -18.72 4.90 7.09
N THR A 305 -17.96 5.67 6.33
CA THR A 305 -16.54 5.39 6.14
C THR A 305 -15.65 6.57 6.51
N LEU A 306 -14.46 6.25 6.95
CA LEU A 306 -13.36 7.19 7.04
C LEU A 306 -12.76 7.34 5.65
N ASN A 307 -12.88 8.51 5.05
CA ASN A 307 -12.50 8.70 3.64
C ASN A 307 -11.10 9.25 3.63
N ALA A 308 -10.13 8.36 3.59
CA ALA A 308 -8.73 8.67 3.79
C ALA A 308 -7.98 8.70 2.48
N ALA A 309 -7.07 9.67 2.37
CA ALA A 309 -6.09 9.74 1.30
C ALA A 309 -4.75 9.31 1.89
N TYR A 310 -4.02 8.49 1.13
CA TYR A 310 -2.72 7.96 1.52
C TYR A 310 -1.64 8.49 0.59
N SER A 311 -0.63 9.13 1.16
CA SER A 311 0.50 9.63 0.39
C SER A 311 1.15 8.52 -0.41
N PHE A 312 1.47 8.82 -1.67
CA PHE A 312 2.00 7.83 -2.61
C PHE A 312 3.42 8.32 -2.95
N TYR A 313 3.61 9.02 -4.05
CA TYR A 313 4.93 9.54 -4.40
C TYR A 313 4.85 11.03 -4.67
N ASN A 314 5.75 11.78 -4.03
CA ASN A 314 5.77 13.23 -4.08
C ASN A 314 7.21 13.68 -4.34
N VAL A 315 7.39 14.55 -5.33
CA VAL A 315 8.72 15.02 -5.71
C VAL A 315 8.63 16.50 -6.05
N THR A 316 9.56 17.30 -5.55
CA THR A 316 9.56 18.73 -5.90
C THR A 316 10.94 19.19 -6.35
N THR A 317 10.95 20.03 -7.37
CA THR A 317 12.15 20.81 -7.71
C THR A 317 11.96 22.31 -7.55
N THR A 318 10.73 22.83 -7.47
CA THR A 318 10.53 24.27 -7.38
C THR A 318 10.14 24.74 -5.99
N ALA A 319 9.90 23.83 -5.05
CA ALA A 319 9.47 24.21 -3.71
C ALA A 319 10.28 23.43 -2.67
N THR A 320 10.05 23.76 -1.40
CA THR A 320 10.56 22.91 -0.34
C THR A 320 9.66 21.68 -0.24
N PHE A 321 10.21 20.61 0.34
N PHE A 321 10.21 20.61 0.34
CA PHE A 321 9.40 19.42 0.54
CA PHE A 321 9.38 19.42 0.52
C PHE A 321 8.22 19.71 1.46
C PHE A 321 8.21 19.70 1.46
N LYS A 322 8.42 20.56 2.47
CA LYS A 322 7.30 20.97 3.32
C LYS A 322 6.21 21.66 2.52
N GLN A 323 6.60 22.56 1.61
CA GLN A 323 5.61 23.25 0.79
C GLN A 323 4.86 22.27 -0.09
N LEU A 324 5.58 21.30 -0.66
CA LEU A 324 4.96 20.30 -1.51
C LEU A 324 3.92 19.50 -0.73
N MET A 325 4.28 19.06 0.47
CA MET A 325 3.37 18.21 1.23
C MET A 325 2.22 19.03 1.79
N GLN A 326 2.44 20.31 2.08
N GLN A 326 2.44 20.31 2.10
CA GLN A 326 1.33 21.19 2.41
CA GLN A 326 1.33 21.20 2.41
C GLN A 326 0.34 21.25 1.27
C GLN A 326 0.33 21.23 1.27
N ASP A 327 0.82 21.36 0.03
CA ASP A 327 -0.06 21.34 -1.13
C ASP A 327 -0.79 20.00 -1.27
N ALA A 328 -0.11 18.88 -1.00
CA ALA A 328 -0.75 17.57 -1.03
C ALA A 328 -1.94 17.52 -0.08
N ILE A 329 -1.77 18.07 1.13
CA ILE A 329 -2.86 18.10 2.09
C ILE A 329 -4.02 18.93 1.56
N LEU A 330 -3.72 20.10 1.01
CA LEU A 330 -4.77 20.94 0.45
C LEU A 330 -5.51 20.24 -0.68
N LEU A 331 -4.77 19.55 -1.56
CA LEU A 331 -5.42 18.87 -2.69
C LEU A 331 -6.27 17.72 -2.19
N ALA A 332 -5.86 17.05 -1.11
CA ALA A 332 -6.74 16.03 -0.53
C ALA A 332 -8.00 16.67 0.05
N LYS A 333 -7.82 17.77 0.77
CA LYS A 333 -8.97 18.47 1.35
C LYS A 333 -9.94 18.92 0.26
N ARG A 334 -9.42 19.45 -0.84
N ARG A 334 -9.40 19.45 -0.84
CA ARG A 334 -10.29 19.94 -1.91
CA ARG A 334 -10.25 19.93 -1.94
C ARG A 334 -11.01 18.81 -2.64
C ARG A 334 -11.05 18.81 -2.57
N ASN A 335 -10.56 17.57 -2.47
CA ASN A 335 -11.25 16.41 -3.02
C ASN A 335 -12.09 15.70 -1.97
N ASN A 336 -12.32 16.34 -0.82
N ASN A 336 -12.34 16.35 -0.83
CA ASN A 336 -13.29 15.91 0.20
CA ASN A 336 -13.30 15.93 0.18
C ASN A 336 -12.81 14.73 1.02
C ASN A 336 -12.81 14.77 1.05
N PHE A 337 -11.50 14.56 1.16
CA PHE A 337 -10.96 13.51 2.02
C PHE A 337 -10.99 14.01 3.47
N ASP A 338 -11.13 13.06 4.39
CA ASP A 338 -11.25 13.35 5.82
C ASP A 338 -9.90 13.52 6.48
N VAL A 339 -8.87 12.92 5.89
CA VAL A 339 -7.56 12.77 6.53
C VAL A 339 -6.56 12.45 5.43
N PHE A 340 -5.30 12.86 5.66
CA PHE A 340 -4.20 12.59 4.77
C PHE A 340 -3.18 11.79 5.58
N ASN A 341 -2.97 10.53 5.20
CA ASN A 341 -2.08 9.62 5.92
C ASN A 341 -0.76 9.50 5.18
N ALA A 342 0.34 9.33 5.93
CA ALA A 342 1.66 9.22 5.30
C ALA A 342 2.56 8.40 6.24
N LEU A 343 3.55 7.75 5.64
CA LEU A 343 4.57 7.00 6.33
C LEU A 343 5.85 7.81 6.45
N GLU A 344 6.69 7.46 7.45
CA GLU A 344 8.00 8.10 7.60
C GLU A 344 9.02 7.48 6.63
N VAL A 345 8.65 7.39 5.36
CA VAL A 345 9.54 6.93 4.31
C VAL A 345 9.96 8.13 3.46
N MET A 346 10.92 7.89 2.57
CA MET A 346 11.48 8.96 1.72
C MET A 346 11.83 10.16 2.61
N GLN A 347 11.46 11.39 2.24
N GLN A 347 11.48 11.39 2.24
CA GLN A 347 11.73 12.59 3.02
CA GLN A 347 11.78 12.55 3.10
C GLN A 347 10.55 13.02 3.89
C GLN A 347 10.55 13.03 3.86
N ASN A 348 9.57 12.16 4.08
CA ASN A 348 8.33 12.58 4.73
C ASN A 348 8.53 12.99 6.19
N LYS A 349 9.41 12.32 6.93
N LYS A 349 9.41 12.31 6.92
CA LYS A 349 9.49 12.57 8.36
CA LYS A 349 9.43 12.52 8.37
C LYS A 349 9.76 14.04 8.63
C LYS A 349 9.74 13.97 8.71
N SER A 350 10.59 14.65 7.79
N SER A 350 10.57 14.63 7.89
CA SER A 350 11.00 16.03 8.01
CA SER A 350 10.96 16.00 8.20
C SER A 350 9.84 17.02 8.06
C SER A 350 9.84 17.03 8.05
N VAL A 351 8.70 16.69 7.45
CA VAL A 351 7.61 17.64 7.33
C VAL A 351 6.56 17.48 8.42
N PHE A 352 6.55 16.36 9.14
CA PHE A 352 5.38 16.02 9.95
C PHE A 352 5.14 17.01 11.08
N GLU A 353 6.21 17.48 11.75
CA GLU A 353 5.99 18.39 12.87
C GLU A 353 5.38 19.70 12.41
N ASP A 354 6.01 20.37 11.43
CA ASP A 354 5.56 21.70 11.06
C ASP A 354 4.23 21.70 10.33
N LEU A 355 3.84 20.58 9.73
N LEU A 355 3.85 20.57 9.72
CA LEU A 355 2.56 20.49 9.04
CA LEU A 355 2.57 20.46 9.03
C LEU A 355 1.48 19.88 9.94
C LEU A 355 1.47 19.91 9.95
N LYS A 356 1.73 19.81 11.24
CA LYS A 356 0.71 19.50 12.23
C LYS A 356 0.18 18.07 12.09
N PHE A 357 1.02 17.16 11.62
CA PHE A 357 0.65 15.75 11.65
C PHE A 357 0.65 15.22 13.08
N GLY A 358 -0.25 14.30 13.36
CA GLY A 358 -0.21 13.52 14.57
C GLY A 358 0.35 12.14 14.27
N GLU A 359 1.02 11.56 15.26
CA GLU A 359 1.57 10.23 15.09
C GLU A 359 0.45 9.20 15.23
N GLY A 360 0.48 8.20 14.36
CA GLY A 360 -0.51 7.16 14.38
C GLY A 360 -0.26 6.18 15.49
N ASP A 361 -1.17 5.21 15.59
CA ASP A 361 -1.15 4.20 16.63
C ASP A 361 -0.39 2.93 16.22
N GLY A 362 0.51 3.02 15.25
CA GLY A 362 1.24 1.83 14.86
C GLY A 362 2.23 2.14 13.76
N SER A 363 2.78 1.06 13.19
CA SER A 363 3.75 1.17 12.12
C SER A 363 3.48 0.13 11.07
N LEU A 364 3.98 0.42 9.86
CA LEU A 364 3.87 -0.47 8.73
C LEU A 364 5.23 -1.10 8.48
N LYS A 365 5.28 -2.43 8.48
CA LYS A 365 6.52 -3.17 8.28
C LYS A 365 6.68 -3.57 6.81
N TYR A 366 7.89 -3.37 6.29
CA TYR A 366 8.28 -3.79 4.95
C TYR A 366 9.05 -5.10 5.03
N TYR A 367 8.69 -6.07 4.18
CA TYR A 367 9.27 -7.39 4.19
C TYR A 367 9.77 -7.78 2.81
N LEU A 368 10.87 -8.52 2.78
CA LEU A 368 11.29 -9.28 1.61
C LEU A 368 11.24 -10.77 1.92
N TYR A 369 10.77 -11.55 0.95
CA TYR A 369 10.83 -13.00 1.01
C TYR A 369 12.03 -13.52 0.22
N ASN A 370 12.81 -14.38 0.87
CA ASN A 370 13.98 -15.02 0.28
C ASN A 370 15.05 -13.99 -0.12
N TRP A 371 15.31 -13.05 0.78
CA TRP A 371 16.36 -12.07 0.54
C TRP A 371 17.03 -11.71 1.85
N LYS A 372 18.37 -11.86 1.85
CA LYS A 372 19.22 -11.64 3.01
C LYS A 372 19.96 -10.34 2.84
N CYS A 373 19.63 -9.36 3.68
CA CYS A 373 20.36 -8.08 3.68
C CYS A 373 20.11 -7.41 5.02
N ALA A 374 20.92 -6.38 5.30
CA ALA A 374 20.74 -5.60 6.51
C ALA A 374 19.45 -4.79 6.42
N SER A 375 18.78 -4.67 7.56
CA SER A 375 17.63 -3.79 7.66
C SER A 375 18.13 -2.34 7.71
N PHE A 376 17.22 -1.40 7.54
CA PHE A 376 17.61 0.00 7.47
C PHE A 376 16.46 0.89 7.92
N ALA A 377 16.83 2.12 8.29
CA ALA A 377 15.85 3.10 8.72
C ALA A 377 14.90 3.46 7.60
N PRO A 378 13.65 3.82 7.94
CA PRO A 378 12.62 3.96 6.89
C PRO A 378 12.83 5.16 5.98
N ALA A 379 13.68 6.12 6.36
CA ALA A 379 14.05 7.19 5.43
C ALA A 379 14.68 6.64 4.16
N HIS A 380 15.25 5.44 4.23
CA HIS A 380 15.87 4.80 3.07
C HIS A 380 14.89 4.03 2.20
N VAL A 381 13.63 3.95 2.62
CA VAL A 381 12.60 3.25 1.86
C VAL A 381 12.04 4.20 0.81
N GLY A 382 12.01 3.76 -0.44
CA GLY A 382 11.52 4.55 -1.56
C GLY A 382 10.40 3.88 -2.32
N ILE A 383 9.60 3.08 -1.63
CA ILE A 383 8.47 2.41 -2.24
C ILE A 383 7.28 2.47 -1.28
N VAL A 384 6.11 2.76 -1.84
CA VAL A 384 4.83 2.74 -1.15
C VAL A 384 3.96 1.68 -1.81
N LEU A 385 3.56 0.68 -1.03
N LEU A 385 3.50 0.72 -1.01
CA LEU A 385 2.66 -0.35 -1.51
CA LEU A 385 2.68 -0.40 -1.48
C LEU A 385 1.22 0.02 -1.18
C LEU A 385 1.23 -0.22 -1.04
N LEU A 386 0.30 -0.57 -1.91
CA LEU A 386 -1.11 -0.20 -1.74
C LEU A 386 -1.85 -0.99 -0.65
S1 MYA B . -1.04 -8.12 5.15
C2 MYA B . -2.85 -8.17 5.52
C3 MYA B . -3.23 -9.56 6.04
N4 MYA B . -4.67 -9.69 6.07
C5 MYA B . -5.49 -9.33 7.11
O5 MYA B . -4.96 -8.83 8.13
C6 MYA B . -7.00 -9.48 7.01
C7 MYA B . -7.70 -9.96 8.24
N8 MYA B . -7.05 -11.14 8.78
C9 MYA B . -7.07 -12.36 8.14
O9 MYA B . -7.68 -12.48 7.05
C10 MYA B . -6.37 -13.55 8.81
O10 MYA B . -6.25 -13.21 10.19
C11 MYA B . -4.99 -13.82 8.15
C12 MYA B . -4.35 -15.00 8.91
C13 MYA B . -4.08 -12.60 8.24
C14 MYA B . -5.18 -14.21 6.69
N1A MYA B . 0.91 -11.94 6.87
O1A MYA B . -4.36 -20.16 11.24
P1A MYA B . -4.13 -19.14 10.16
C1X MYA B . 0.52 -16.06 10.02
C2A MYA B . 1.52 -13.16 6.87
O2A MYA B . -4.70 -19.38 8.80
P2A MYA B . -5.75 -16.73 10.36
C2M MYA B . -0.89 -8.82 3.51
O2M MYA B . -1.89 -9.07 2.87
C2X MYA B . 0.81 -16.33 11.49
O2X MYA B . 2.15 -15.95 11.72
N3A MYA B . 1.35 -14.19 7.73
O3A MYA B . -4.53 -17.64 10.69
C3M MYA B . 0.46 -9.17 2.98
C3X MYA B . 0.75 -17.90 11.51
O3X MYA B . 1.90 -18.43 11.15
P3X MYA B . 3.07 -18.91 12.40
C4A MYA B . 0.46 -13.92 8.73
O4A MYA B . -6.93 -17.57 10.05
C4M MYA B . 0.60 -10.68 3.09
C4X MYA B . -0.37 -18.17 10.43
O4X MYA B . -0.56 -16.91 9.72
C5A MYA B . -0.23 -12.67 8.86
O5A MYA B . -5.87 -15.61 11.36
C5M MYA B . 1.91 -11.29 2.89
C5X MYA B . -1.71 -18.58 11.01
O5X MYA B . -2.53 -19.02 9.97
C6A MYA B . 0.05 -11.68 7.88
N6A MYA B . -0.57 -10.45 7.93
O6A MYA B . -5.24 -16.04 8.89
C6M MYA B . 1.85 -12.83 2.99
N7A MYA B . -1.04 -12.69 10.01
O7A MYA B . 2.96 -17.80 13.45
C7M MYA B . 3.23 -13.44 2.98
C8A MYA B . -0.87 -13.93 10.52
O8A MYA B . 2.52 -20.24 12.91
C8M MYA B . 3.81 -13.50 1.60
N9A MYA B . 0.05 -14.68 9.77
O9A MYA B . 4.37 -18.92 11.64
C9M MYA B . 5.17 -14.17 1.46
CAM MYA B . 5.68 -14.23 0.02
CBM MYA B . 5.01 -15.31 -0.84
CCM MYA B . 5.43 -15.31 -2.29
CDM MYA B . 6.90 -15.71 -2.46
CEM MYA B . 7.38 -15.73 -3.91
CFM MYA B . 8.84 -16.09 -4.08
H2 MYA B . -3.02 -7.37 6.26
H2A MYA B . -3.36 -7.89 4.59
H3 MYA B . -2.74 -10.33 5.40
H3A MYA B . -2.77 -9.72 7.03
HN4 MYA B . -5.11 -10.11 5.26
H6 MYA B . -7.24 -10.14 6.15
H6A MYA B . -7.46 -8.52 6.67
H7 MYA B . -7.74 -9.13 8.98
H7A MYA B . -8.77 -10.16 7.98
HN8 MYA B . -6.57 -11.05 9.66
H10 MYA B . -7.03 -14.46 8.68
HO10 MYA B . -6.02 -13.99 10.70
H12 MYA B . -3.38 -15.27 8.42
H12A MYA B . -4.07 -14.69 9.93
H13 MYA B . -4.30 -11.85 7.47
H13A MYA B . -3.02 -12.85 8.13
H13B MYA B . -4.17 -12.07 9.21
H14 MYA B . -4.28 -14.58 6.18
H14A MYA B . -5.91 -15.01 6.50
H14B MYA B . -5.53 -13.41 6.02
H1X MYA B . 1.38 -16.14 9.32
H2AA MYA B . 2.25 -13.34 6.06
H2X MYA B . 0.08 -15.98 12.24
HO2X MYA B . 2.26 -15.82 12.65
H3M MYA B . 1.25 -8.62 3.51
H3MA MYA B . 0.60 -8.80 1.94
H3X MYA B . 0.39 -18.06 12.56
H4M MYA B . -0.12 -11.13 2.38
H4MA MYA B . 0.21 -10.98 4.09
H4X MYA B . -0.04 -18.88 9.64
H5M MYA B . 2.33 -11.00 1.92
H5MA MYA B . 2.63 -10.90 3.64
H5X MYA B . -2.11 -17.69 11.56
H5XA MYA B . -1.49 -19.35 11.79
HN6A MYA B . -1.21 -10.24 8.66
HN6B MYA B . -0.43 -9.74 7.25
H6M MYA B . 1.32 -13.14 3.90
H6MA MYA B . 1.25 -13.24 2.16
H7M MYA B . 3.20 -14.46 3.43
H7MA MYA B . 3.91 -12.88 3.66
H8A MYA B . -1.36 -14.37 11.41
H8M MYA B . 3.10 -14.00 0.93
H8MA MYA B . 3.88 -12.47 1.20
H9M MYA B . 5.93 -13.66 2.09
H9MA MYA B . 5.16 -15.19 1.88
HAM MYA B . 5.55 -13.24 -0.45
HAMA MYA B . 6.77 -14.36 0.03
HBM MYA B . 3.91 -15.21 -0.77
HBMA MYA B . 5.22 -16.32 -0.40
HCM MYA B . 5.27 -14.31 -2.72
HCMA MYA B . 4.79 -15.99 -2.88
HDM MYA B . 7.09 -16.71 -2.03
HDMA MYA B . 7.56 -15.02 -1.89
HEM MYA B . 7.21 -14.75 -4.40
HEMA MYA B . 6.77 -16.44 -4.51
HFM MYA B . 9.20 -16.85 -3.38
HFMA MYA B . 9.53 -15.26 -3.95
HFMB MYA B . 9.10 -16.49 -5.07
C10 XOQ C . -3.75 3.40 9.48
C13 XOQ C . -1.75 4.16 7.75
C14 XOQ C . -0.80 4.49 6.75
C15 XOQ C . -0.18 3.47 6.00
C17 XOQ C . -1.39 1.87 7.14
C19 XOQ C . -1.82 -0.49 6.28
C20 XOQ C . -2.01 -1.87 6.49
N21 XOQ C . -2.24 -2.76 5.35
C22 XOQ C . -1.84 -4.18 5.30
C23 XOQ C . -0.51 -4.27 4.52
C25 XOQ C . -1.02 -2.42 3.18
C28 XOQ C . -1.84 -1.53 8.87
C29 XOQ C . -1.64 -0.16 8.68
C01 XOQ C . -5.27 -0.53 10.04
C02 XOQ C . -6.19 0.66 9.71
C04 XOQ C . -8.06 -0.73 8.80
C06 XOQ C . -7.11 2.66 9.40
C07 XOQ C . -7.36 4.18 9.35
C08 XOQ C . -5.96 1.99 9.86
C09 XOQ C . -4.72 2.67 10.49
C12 XOQ C . -2.03 2.81 7.95
C18 XOQ C . -1.65 0.35 7.35
C26 XOQ C . -2.33 -2.19 3.94
C27 XOQ C . -1.99 -2.38 7.79
N03 XOQ C . -7.39 0.53 9.16
N05 XOQ C . -7.95 1.75 8.96
N16 XOQ C . -0.50 2.19 6.20
N24 XOQ C . -0.68 -3.81 3.18
O11 XOQ C . -3.00 2.35 8.89
H102 XOQ C . -4.32 3.94 8.72
H101 XOQ C . -3.09 4.09 10.02
H131 XOQ C . -2.22 4.92 8.33
H141 XOQ C . -0.56 5.53 6.54
H151 XOQ C . 0.55 3.73 5.25
H191 XOQ C . -1.83 -0.10 5.30
H222 XOQ C . -1.70 -4.57 6.33
H221 XOQ C . -2.62 -4.78 4.80
H232 XOQ C . 0.26 -3.65 5.03
H231 XOQ C . -0.16 -5.32 4.50
H251 XOQ C . -1.15 -2.07 2.14
H252 XOQ C . -0.22 -1.84 3.65
H281 XOQ C . -1.88 -1.93 9.87
H291 XOQ C . -1.46 0.50 9.53
H013 XOQ C . -4.25 -0.20 10.06
H011 XOQ C . -5.38 -1.30 9.28
H012 XOQ C . -5.53 -0.94 11.01
H041 XOQ C . -8.14 -1.37 9.67
H042 XOQ C . -7.48 -1.24 8.03
H043 XOQ C . -9.06 -0.52 8.42
H072 XOQ C . -6.83 4.66 10.15
H071 XOQ C . -8.41 4.38 9.44
H073 XOQ C . -7.00 4.57 8.41
H091 XOQ C . -5.08 3.42 11.22
H092 XOQ C . -4.14 1.90 11.02
H262 XOQ C . -3.16 -2.70 3.39
H261 XOQ C . -2.54 -1.10 4.00
H271 XOQ C . -2.10 -3.45 7.96
H241 XOQ C . 0.19 -3.94 2.66
H242 XOQ C . -1.42 -4.34 2.73
C1 GOL D . 4.65 0.34 -5.90
O1 GOL D . 4.43 1.71 -5.58
C2 GOL D . 3.53 -0.22 -6.85
O2 GOL D . 3.84 -1.54 -7.23
C3 GOL D . 2.20 -0.17 -6.12
O3 GOL D . 2.26 -1.00 -4.96
H11 GOL D . 4.69 -0.21 -5.09
H12 GOL D . 5.52 0.21 -6.34
HO1 GOL D . 4.19 1.74 -4.77
H2 GOL D . 3.47 0.35 -7.64
HO2 GOL D . 4.35 -1.87 -6.65
H31 GOL D . 1.52 -0.44 -6.74
H32 GOL D . 2.02 0.75 -5.91
HO3 GOL D . 1.50 -1.36 -4.87
C1 GOL E . 18.20 -17.98 -8.52
O1 GOL E . 17.31 -18.95 -8.11
C2 GOL E . 18.64 -17.40 -7.20
O2 GOL E . 19.92 -16.94 -7.28
C3 GOL E . 17.55 -16.33 -6.84
O3 GOL E . 16.84 -16.76 -5.65
H11 GOL E . 17.80 -17.30 -9.09
H12 GOL E . 18.95 -18.34 -9.02
HO1 GOL E . 16.73 -19.01 -8.74
H2 GOL E . 18.66 -18.06 -6.48
HO2 GOL E . 20.02 -16.57 -8.03
H31 GOL E . 16.96 -16.24 -7.61
H32 GOL E . 17.98 -15.48 -6.74
HO3 GOL E . 17.43 -16.98 -5.09
S SO4 F . -13.62 28.24 20.84
O1 SO4 F . -13.08 29.38 21.63
O2 SO4 F . -12.59 27.91 19.88
O3 SO4 F . -14.85 28.67 20.15
O4 SO4 F . -13.91 27.17 21.75
S SO4 G . 15.36 15.64 4.76
O1 SO4 G . 15.21 16.48 5.94
O2 SO4 G . 16.77 15.34 4.60
O3 SO4 G . 14.84 16.32 3.56
O4 SO4 G . 14.59 14.36 4.93
S SO4 H . -11.54 33.06 17.47
O1 SO4 H . -11.75 34.40 16.92
O2 SO4 H . -10.13 32.67 17.35
O3 SO4 H . -11.95 33.08 18.88
O4 SO4 H . -12.33 32.07 16.74
S SO4 I . -3.75 12.66 17.14
O1 SO4 I . -2.89 13.68 17.75
O2 SO4 I . -2.89 11.56 16.71
O3 SO4 I . -4.71 12.14 18.11
O4 SO4 I . -4.44 13.28 16.02
S SO4 J . 15.14 -16.49 17.25
O1 SO4 J . 15.69 -16.24 18.57
O2 SO4 J . 15.61 -15.41 16.38
O3 SO4 J . 13.66 -16.55 17.35
O4 SO4 J . 15.64 -17.76 16.73
S SO4 K . -4.82 28.05 -5.23
O1 SO4 K . -5.70 29.20 -5.06
O2 SO4 K . -3.47 28.49 -5.46
O3 SO4 K . -4.94 27.20 -4.06
O4 SO4 K . -5.33 27.32 -6.41
S SO4 L . -4.91 -35.91 -7.03
O1 SO4 L . -4.80 -34.48 -6.81
O2 SO4 L . -4.09 -36.59 -6.04
O3 SO4 L . -6.30 -36.33 -6.80
O4 SO4 L . -4.45 -36.20 -8.35
CL CL M . -1.61 -6.28 8.58
CL CL N . -16.53 23.36 21.09
CL CL O . 10.29 2.15 -20.16
CL CL P . -16.63 -4.45 -15.40
C ACT Q . -17.85 -7.26 11.81
O ACT Q . -17.28 -6.38 12.51
OXT ACT Q . -17.70 -8.53 11.85
CH3 ACT Q . -18.78 -6.72 10.71
H1 ACT Q . -18.60 -5.77 10.56
H2 ACT Q . -19.70 -6.84 10.98
H3 ACT Q . -18.63 -7.21 9.88
C1 PEG R . -14.57 11.49 -4.74
O1 PEG R . -15.09 12.70 -5.25
C2 PEG R . -13.70 11.73 -3.54
O2 PEG R . -14.49 11.46 -2.38
C3 PEG R . -13.82 11.60 -1.16
C4 PEG R . -14.77 11.26 -0.06
O4 PEG R . -16.11 11.41 -0.48
H11 PEG R . -14.04 11.06 -5.44
H12 PEG R . -15.30 10.90 -4.50
HO1 PEG R . -15.73 12.61 -5.80
H21 PEG R . -13.41 12.66 -3.53
H22 PEG R . -12.93 11.15 -3.56
H31 PEG R . -13.50 12.52 -1.05
H32 PEG R . -13.06 10.99 -1.13
H41 PEG R . -14.63 10.35 0.22
H42 PEG R . -14.62 11.86 0.70
HO4 PEG R . -16.50 12.11 -0.18
OH2 1PE S . 26.54 -13.42 5.96
C12 1PE S . 27.10 -13.31 4.65
C22 1PE S . 27.03 -14.61 3.90
OH3 1PE S . 25.74 -14.80 3.32
C13 1PE S . 24.30 -16.27 2.05
C23 1PE S . 25.71 -15.80 2.31
OH4 1PE S . 23.81 -17.02 3.15
C14 1PE S . 22.10 -18.28 4.19
C24 1PE S . 22.52 -17.55 2.96
OH5 1PE S . 22.07 -17.40 5.30
C15 1PE S . 21.74 -17.13 7.64
C25 1PE S . 21.66 -18.07 6.48
OH6 1PE S . 23.10 -16.83 7.91
C16 1PE S . 24.73 -15.44 8.95
C26 1PE S . 23.27 -15.70 8.74
OH7 1PE S . 25.38 -15.07 7.75
HO2 1PE S . 27.05 -13.96 6.37
H121 1PE S . 28.02 -13.03 4.72
H122 1PE S . 26.59 -12.64 4.16
H221 1PE S . 27.22 -15.34 4.51
H222 1PE S . 27.69 -14.60 3.19
H131 1PE S . 24.29 -16.82 1.25
H132 1PE S . 23.72 -15.49 1.90
H231 1PE S . 26.24 -16.57 2.60
H232 1PE S . 26.07 -15.44 1.49
H141 1PE S . 22.72 -18.99 4.37
H142 1PE S . 21.22 -18.66 4.05
H241 1PE S . 22.53 -18.17 2.21
H242 1PE S . 21.90 -16.83 2.78
H151 1PE S . 21.33 -17.54 8.43
H152 1PE S . 21.27 -16.31 7.43
H251 1PE S . 22.24 -18.83 6.65
H252 1PE S . 20.75 -18.38 6.39
H161 1PE S . 25.14 -16.25 9.30
H162 1PE S . 24.83 -14.73 9.60
H261 1PE S . 22.84 -15.86 9.60
H262 1PE S . 22.87 -14.92 8.32
HO7 1PE S . 26.00 -14.52 7.97
OH2 1PE T . 3.14 -29.58 1.76
C12 1PE T . 4.54 -29.47 1.96
C22 1PE T . 5.20 -28.62 0.91
OH3 1PE T . 6.60 -28.52 1.18
C13 1PE T . 7.56 -27.05 2.80
C23 1PE T . 7.06 -27.18 1.39
OH4 1PE T . 6.50 -26.76 3.70
C14 1PE T . 5.94 -26.09 5.96
C24 1PE T . 6.96 -26.07 4.86
OH5 1PE T . 4.63 -25.96 5.46
C15 1PE T . 2.31 -25.56 5.95
C25 1PE T . 3.64 -26.01 6.48
OH6 1PE T . 1.58 -26.67 5.45
C16 1PE T . 0.20 -27.52 3.68
C26 1PE T . 0.60 -26.31 4.47
OH7 1PE T . 1.12 -27.78 2.63
HO2 1PE T . 3.02 -30.15 1.14
H121 1PE T . 4.94 -30.36 1.94
H122 1PE T . 4.71 -29.07 2.83
H221 1PE T . 4.80 -27.73 0.91
H222 1PE T . 5.07 -29.03 0.04
H131 1PE T . 8.00 -27.87 3.06
H132 1PE T . 8.22 -26.32 2.82
H231 1PE T . 6.33 -26.56 1.25
H232 1PE T . 7.78 -26.99 0.77
H141 1PE T . 6.13 -25.36 6.56
H142 1PE T . 6.02 -26.93 6.43
H241 1PE T . 7.77 -26.49 5.17
H242 1PE T . 7.15 -25.15 4.62
H151 1PE T . 2.46 -24.93 5.23
H152 1PE T . 1.81 -25.14 6.66
H251 1PE T . 3.90 -25.43 7.20
H252 1PE T . 3.56 -26.93 6.81
H161 1PE T . 0.16 -28.28 4.27
H162 1PE T . -0.68 -27.36 3.29
H261 1PE T . 0.98 -25.65 3.87
H262 1PE T . -0.18 -25.94 4.91
HO7 1PE T . 0.68 -28.16 2.01
O1 PG4 U . -19.73 -3.87 14.43
C1 PG4 U . -20.30 -4.54 13.32
C2 PG4 U . -19.83 -3.97 12.02
O2 PG4 U . -20.28 -2.63 11.87
C3 PG4 U . -20.37 -2.22 10.52
C4 PG4 U . -20.91 -0.83 10.46
O3 PG4 U . -22.07 -0.78 11.28
C5 PG4 U . -22.40 0.57 11.56
C6 PG4 U . -23.63 0.60 12.41
O4 PG4 U . -23.33 0.05 13.70
C7 PG4 U . -24.55 -0.11 14.40
C8 PG4 U . -24.30 -0.25 15.87
O5 PG4 U . -23.86 -1.57 16.15
HO1 PG4 U . -20.24 -3.99 15.08
H11 PG4 U . -21.27 -4.45 13.37
H12 PG4 U . -20.07 -5.48 13.36
H21 PG4 U . -18.85 -3.99 11.99
H22 PG4 U . -20.18 -4.50 11.29
H31 PG4 U . -20.97 -2.82 10.04
H32 PG4 U . -19.50 -2.24 10.11
H41 PG4 U . -20.24 -0.21 10.80
H42 PG4 U . -21.14 -0.60 9.55
H51 PG4 U . -22.57 1.04 10.74
H52 PG4 U . -21.67 1.00 12.04
H61 PG4 U . -24.32 0.07 11.99
H62 PG4 U . -23.93 1.51 12.52
H71 PG4 U . -25.00 -0.91 14.08
H72 PG4 U . -25.12 0.66 14.24
H81 PG4 U . -25.12 -0.06 16.37
H82 PG4 U . -23.60 0.38 16.14
HO5 PG4 U . -23.41 -1.53 16.87
C1 PGE V . 18.34 -17.05 8.69
O1 PGE V . 18.75 -17.31 10.02
C2 PGE V . 17.07 -17.81 8.41
O2 PGE V . 17.29 -18.68 7.32
C3 PGE V . 16.23 -18.69 6.39
C4 PGE V . 16.42 -19.89 5.48
O4 PGE V . 13.96 -23.02 7.72
C6 PGE V . 14.17 -22.64 6.37
C5 PGE V . 14.61 -21.18 6.33
O3 PGE V . 16.01 -21.08 6.15
H1 PGE V . 18.15 -15.98 8.52
H12 PGE V . 19.10 -17.37 7.96
HO1 PGE V . 19.24 -16.54 10.33
H2 PGE V . 16.77 -18.38 9.31
H22 PGE V . 16.25 -17.09 8.18
H3 PGE V . 16.23 -17.77 5.78
H32 PGE V . 15.26 -18.76 6.90
H4 PGE V . 15.82 -19.75 4.56
H42 PGE V . 17.47 -19.96 5.18
HO4 PGE V . 13.17 -22.55 8.05
H6 PGE V . 14.95 -23.26 5.90
H62 PGE V . 13.25 -22.74 5.78
H5 PGE V . 14.07 -20.68 5.51
H52 PGE V . 14.30 -20.70 7.27
#